data_5CPG
#
_entry.id   5CPG
#
_cell.length_a   63.530
_cell.length_b   65.721
_cell.length_c   77.453
_cell.angle_alpha   90.00
_cell.angle_beta   90.00
_cell.angle_gamma   90.00
#
_symmetry.space_group_name_H-M   'P 21 21 21'
#
loop_
_entity.id
_entity.type
_entity.pdbx_description
1 polymer '(R)-specific enoyl-CoA hydratase'
2 non-polymer GLYCEROL
3 water water
#
_entity_poly.entity_id   1
_entity_poly.type   'polypeptide(L)'
_entity_poly.pdbx_seq_one_letter_code
;SQVQNIPYAELEVGQKAEYTSSIAERDLQLFAAVSGDRNPVHLDAAYAATTQFKERIAHGMLSGALISAAIATVLPGPGT
IYLGQTLRFTRPVKLGDDLKVELEVLEKLPKNRVRMATRVFNQAGKQVVDGEAEIMAPEEKLSVELAELPPISIG
;
_entity_poly.pdbx_strand_id   A,B
#
# COMPACT_ATOMS: atom_id res chain seq x y z
N SER A 1 14.43 -21.28 -5.66
CA SER A 1 14.92 -20.68 -6.90
C SER A 1 15.42 -19.27 -6.67
N GLN A 2 16.05 -18.72 -7.69
CA GLN A 2 16.44 -17.32 -7.67
C GLN A 2 15.58 -16.52 -8.65
N VAL A 3 15.39 -15.24 -8.33
CA VAL A 3 14.63 -14.34 -9.19
C VAL A 3 15.58 -13.48 -10.01
N GLN A 4 15.42 -13.48 -11.34
CA GLN A 4 16.25 -12.65 -12.21
C GLN A 4 15.49 -11.40 -12.61
N ASN A 5 16.17 -10.25 -12.63
CA ASN A 5 15.50 -9.04 -13.08
C ASN A 5 15.53 -8.91 -14.60
N ILE A 6 14.85 -7.88 -15.06
CA ILE A 6 14.89 -7.44 -16.45
C ILE A 6 15.41 -6.00 -16.46
N PRO A 7 16.71 -5.81 -16.76
CA PRO A 7 17.32 -4.48 -16.74
C PRO A 7 16.75 -3.57 -17.80
N TYR A 8 16.99 -2.27 -17.65
CA TYR A 8 16.47 -1.26 -18.54
C TYR A 8 16.67 -1.56 -20.04
N ALA A 9 17.86 -2.02 -20.41
CA ALA A 9 18.15 -2.28 -21.81
C ALA A 9 17.30 -3.40 -22.39
N GLU A 10 16.92 -4.37 -21.55
CA GLU A 10 16.11 -5.48 -22.02
C GLU A 10 14.62 -5.18 -22.00
N LEU A 11 14.18 -4.24 -21.18
CA LEU A 11 12.77 -3.87 -21.18
C LEU A 11 12.33 -3.33 -22.54
N GLU A 12 11.10 -3.63 -22.95
CA GLU A 12 10.52 -3.06 -24.16
C GLU A 12 9.16 -2.52 -23.89
N VAL A 13 8.81 -1.43 -24.56
CA VAL A 13 7.47 -0.90 -24.48
C VAL A 13 6.51 -2.00 -24.91
N GLY A 14 5.41 -2.18 -24.15
CA GLY A 14 4.45 -3.22 -24.43
C GLY A 14 4.68 -4.56 -23.73
N GLN A 15 5.88 -4.76 -23.19
CA GLN A 15 6.20 -5.95 -22.40
C GLN A 15 5.29 -6.05 -21.18
N LYS A 16 4.74 -7.25 -20.93
CA LYS A 16 3.79 -7.41 -19.83
C LYS A 16 4.25 -8.49 -18.84
N ALA A 17 3.71 -8.46 -17.64
CA ALA A 17 3.92 -9.54 -16.67
C ALA A 17 2.71 -9.58 -15.77
N GLU A 18 2.53 -10.71 -15.07
CA GLU A 18 1.39 -10.88 -14.20
C GLU A 18 1.82 -11.39 -12.83
N TYR A 19 0.96 -11.17 -11.82
CA TYR A 19 1.31 -11.48 -10.43
C TYR A 19 -0.02 -11.71 -9.79
N THR A 20 -0.23 -12.87 -9.17
CA THR A 20 -1.58 -13.18 -8.75
C THR A 20 -1.61 -13.44 -7.24
N SER A 21 -2.75 -13.20 -6.62
CA SER A 21 -2.85 -13.39 -5.19
C SER A 21 -4.29 -13.69 -4.80
N SER A 22 -4.47 -14.64 -3.89
CA SER A 22 -5.82 -14.90 -3.42
C SER A 22 -6.12 -13.95 -2.26
N ILE A 23 -7.36 -13.55 -2.10
CA ILE A 23 -7.76 -12.70 -0.98
C ILE A 23 -8.37 -13.53 0.16
N ALA A 24 -7.51 -13.92 1.08
CA ALA A 24 -7.94 -14.82 2.15
C ALA A 24 -8.03 -14.03 3.44
N GLU A 25 -8.57 -14.66 4.46
CA GLU A 25 -8.74 -13.99 5.74
C GLU A 25 -7.39 -13.46 6.24
N ARG A 26 -6.35 -14.23 6.00
CA ARG A 26 -5.06 -13.92 6.54
C ARG A 26 -4.50 -12.66 5.90
N ASP A 27 -4.86 -12.44 4.63
CA ASP A 27 -4.43 -11.20 3.93
C ASP A 27 -5.08 -9.98 4.55
N LEU A 28 -6.34 -10.11 4.90
CA LEU A 28 -7.08 -9.00 5.53
C LEU A 28 -6.44 -8.72 6.87
N GLN A 29 -6.13 -9.78 7.62
CA GLN A 29 -5.56 -9.59 8.94
C GLN A 29 -4.13 -9.01 8.87
N LEU A 30 -3.30 -9.51 7.96
CA LEU A 30 -1.95 -9.00 7.85
C LEU A 30 -1.99 -7.52 7.43
N PHE A 31 -2.88 -7.15 6.50
CA PHE A 31 -2.82 -5.77 6.04
C PHE A 31 -3.27 -4.82 7.14
N ALA A 32 -4.26 -5.25 7.93
CA ALA A 32 -4.73 -4.46 9.08
C ALA A 32 -3.60 -4.27 10.06
N ALA A 33 -2.85 -5.33 10.29
CA ALA A 33 -1.79 -5.29 11.28
C ALA A 33 -0.71 -4.33 10.89
N VAL A 34 -0.35 -4.30 9.63
CA VAL A 34 0.78 -3.48 9.24
C VAL A 34 0.33 -2.05 8.92
N SER A 35 -0.94 -1.86 8.51
CA SER A 35 -1.41 -0.49 8.24
C SER A 35 -1.92 0.20 9.50
N GLY A 36 -2.48 -0.59 10.42
CA GLY A 36 -3.18 -0.06 11.55
C GLY A 36 -4.66 0.15 11.32
N ASP A 37 -5.12 -0.19 10.12
CA ASP A 37 -6.54 -0.01 9.71
C ASP A 37 -7.36 -1.18 10.19
N ARG A 38 -7.90 -0.98 11.38
CA ARG A 38 -8.71 -2.00 12.08
C ARG A 38 -10.22 -1.78 11.92
N ASN A 39 -10.62 -1.09 10.88
CA ASN A 39 -12.05 -0.97 10.60
C ASN A 39 -12.68 -2.34 10.55
N PRO A 40 -13.81 -2.53 11.23
CA PRO A 40 -14.27 -3.91 11.45
C PRO A 40 -14.82 -4.59 10.19
N VAL A 41 -15.11 -3.84 9.13
CA VAL A 41 -15.60 -4.50 7.93
C VAL A 41 -14.49 -5.34 7.28
N HIS A 42 -13.22 -5.07 7.64
CA HIS A 42 -12.11 -5.89 7.15
C HIS A 42 -11.74 -7.06 8.06
N LEU A 43 -12.25 -7.07 9.30
CA LEU A 43 -11.76 -8.00 10.30
C LEU A 43 -12.80 -8.86 10.99
N ASP A 44 -13.96 -8.28 11.26
CA ASP A 44 -15.00 -8.86 12.14
C ASP A 44 -16.13 -9.41 11.28
N ALA A 45 -16.23 -10.74 11.20
CA ALA A 45 -17.21 -11.35 10.30
C ALA A 45 -18.65 -11.04 10.75
N ALA A 46 -18.85 -11.05 12.06
CA ALA A 46 -20.16 -10.70 12.58
C ALA A 46 -20.55 -9.28 12.23
N TYR A 47 -19.60 -8.36 12.38
CA TYR A 47 -19.85 -7.00 11.93
C TYR A 47 -20.11 -6.91 10.44
N ALA A 48 -19.28 -7.58 9.63
CA ALA A 48 -19.38 -7.38 8.20
C ALA A 48 -20.71 -7.93 7.74
N ALA A 49 -21.24 -8.92 8.45
CA ALA A 49 -22.50 -9.55 8.06
C ALA A 49 -23.66 -8.54 8.12
N THR A 50 -23.48 -7.49 8.93
CA THR A 50 -24.53 -6.46 9.10
C THR A 50 -24.46 -5.35 8.07
N THR A 51 -23.41 -5.36 7.26
CA THR A 51 -23.19 -4.36 6.24
C THR A 51 -23.73 -4.74 4.88
N GLN A 52 -23.74 -3.78 3.96
CA GLN A 52 -24.22 -4.02 2.61
C GLN A 52 -23.44 -5.09 1.88
N PHE A 53 -22.19 -5.34 2.27
CA PHE A 53 -21.39 -6.35 1.59
C PHE A 53 -21.68 -7.78 2.08
N LYS A 54 -22.28 -7.90 3.26
CA LYS A 54 -22.68 -9.20 3.83
C LYS A 54 -21.53 -10.10 4.25
N GLU A 55 -20.30 -9.65 4.02
CA GLU A 55 -19.12 -10.39 4.36
C GLU A 55 -17.96 -9.40 4.39
N ARG A 56 -16.81 -9.84 4.88
CA ARG A 56 -15.68 -8.91 4.99
C ARG A 56 -15.11 -8.54 3.61
N ILE A 57 -14.52 -7.36 3.52
CA ILE A 57 -13.91 -6.91 2.26
C ILE A 57 -12.44 -6.51 2.54
N ALA A 58 -11.64 -6.47 1.47
CA ALA A 58 -10.21 -6.16 1.62
C ALA A 58 -10.05 -4.65 1.69
N HIS A 59 -8.95 -4.23 2.29
CA HIS A 59 -8.58 -2.81 2.23
C HIS A 59 -8.26 -2.44 0.80
N GLY A 60 -8.74 -1.28 0.36
CA GLY A 60 -8.44 -0.88 -1.01
C GLY A 60 -6.97 -0.88 -1.32
N MET A 61 -6.17 -0.42 -0.36
CA MET A 61 -4.74 -0.28 -0.58
C MET A 61 -3.98 -1.62 -0.61
N LEU A 62 -4.65 -2.74 -0.28
CA LEU A 62 -4.03 -4.05 -0.49
C LEU A 62 -3.58 -4.17 -1.97
N SER A 63 -4.34 -3.62 -2.90
CA SER A 63 -3.88 -3.69 -4.28
C SER A 63 -2.60 -2.90 -4.54
N GLY A 64 -2.38 -1.79 -3.82
CA GLY A 64 -1.13 -1.06 -3.98
C GLY A 64 0.02 -1.92 -3.49
N ALA A 65 -0.19 -2.63 -2.38
CA ALA A 65 0.80 -3.55 -1.92
C ALA A 65 1.16 -4.63 -2.97
N LEU A 66 0.14 -5.23 -3.56
CA LEU A 66 0.37 -6.29 -4.56
C LEU A 66 1.09 -5.74 -5.78
N ILE A 67 0.66 -4.56 -6.26
CA ILE A 67 1.33 -3.90 -7.38
C ILE A 67 2.81 -3.70 -7.08
N SER A 68 3.11 -3.21 -5.87
CA SER A 68 4.52 -2.90 -5.57
C SER A 68 5.35 -4.16 -5.56
N ALA A 69 4.77 -5.27 -5.09
CA ALA A 69 5.52 -6.54 -5.06
C ALA A 69 5.71 -7.08 -6.49
N ALA A 70 4.72 -6.89 -7.36
CA ALA A 70 4.86 -7.33 -8.76
C ALA A 70 6.01 -6.61 -9.41
N ILE A 71 6.11 -5.32 -9.16
CA ILE A 71 7.15 -4.53 -9.80
C ILE A 71 8.51 -4.94 -9.25
N ALA A 72 8.57 -5.08 -7.92
CA ALA A 72 9.81 -5.42 -7.25
C ALA A 72 10.30 -6.82 -7.44
N THR A 73 9.40 -7.76 -7.71
CA THR A 73 9.85 -9.17 -7.82
C THR A 73 9.68 -9.78 -9.19
N VAL A 74 8.92 -9.14 -10.08
CA VAL A 74 8.64 -9.76 -11.40
C VAL A 74 9.11 -8.86 -12.53
N LEU A 75 8.59 -7.63 -12.62
CA LEU A 75 8.97 -6.75 -13.74
C LEU A 75 9.04 -5.27 -13.33
N PRO A 76 10.24 -4.68 -13.37
CA PRO A 76 11.52 -5.30 -13.78
C PRO A 76 12.16 -6.20 -12.74
N GLY A 77 11.69 -6.19 -11.51
CA GLY A 77 12.23 -7.09 -10.52
C GLY A 77 13.36 -6.52 -9.70
N PRO A 78 14.21 -7.39 -9.13
CA PRO A 78 15.24 -6.89 -8.22
C PRO A 78 16.14 -5.76 -8.78
N GLY A 79 16.37 -4.72 -7.96
CA GLY A 79 17.17 -3.59 -8.36
C GLY A 79 16.36 -2.36 -8.79
N THR A 80 15.05 -2.49 -8.87
CA THR A 80 14.17 -1.39 -9.22
C THR A 80 14.00 -0.38 -8.09
N ILE A 81 13.98 0.90 -8.43
CA ILE A 81 13.72 1.97 -7.49
C ILE A 81 12.32 2.54 -7.77
N TYR A 82 11.50 2.62 -6.72
CA TYR A 82 10.13 3.12 -6.82
C TYR A 82 10.12 4.59 -6.70
N LEU A 83 9.67 5.28 -7.75
CA LEU A 83 9.63 6.73 -7.68
C LEU A 83 8.24 7.26 -7.42
N GLY A 84 7.20 6.64 -7.99
CA GLY A 84 5.85 7.14 -7.78
C GLY A 84 4.81 6.10 -8.18
N GLN A 85 3.60 6.29 -7.68
CA GLN A 85 2.51 5.40 -8.03
C GLN A 85 1.21 6.14 -7.98
N THR A 86 0.39 5.92 -9.01
CA THR A 86 -0.98 6.40 -8.98
CA THR A 86 -0.99 6.40 -8.98
C THR A 86 -1.95 5.24 -8.95
N LEU A 87 -2.99 5.38 -8.17
CA LEU A 87 -3.99 4.34 -8.02
C LEU A 87 -5.38 4.91 -8.17
N ARG A 88 -6.21 4.25 -8.95
CA ARG A 88 -7.64 4.59 -8.91
C ARG A 88 -8.36 3.32 -8.51
N PHE A 89 -9.19 3.41 -7.49
CA PHE A 89 -9.90 2.24 -6.92
C PHE A 89 -11.29 2.16 -7.54
N THR A 90 -11.45 1.19 -8.41
CA THR A 90 -12.61 1.12 -9.31
C THR A 90 -13.73 0.28 -8.75
N ARG A 91 -13.35 -0.83 -8.15
CA ARG A 91 -14.31 -1.78 -7.58
C ARG A 91 -13.80 -2.31 -6.26
N PRO A 92 -14.70 -2.64 -5.33
CA PRO A 92 -14.26 -3.27 -4.09
C PRO A 92 -13.76 -4.70 -4.31
N VAL A 93 -12.95 -5.15 -3.37
CA VAL A 93 -12.42 -6.50 -3.39
C VAL A 93 -12.96 -7.21 -2.16
N LYS A 94 -13.53 -8.41 -2.34
CA LYS A 94 -14.20 -9.06 -1.23
C LYS A 94 -13.40 -10.26 -0.77
N LEU A 95 -13.61 -10.66 0.47
CA LEU A 95 -13.06 -11.91 0.98
C LEU A 95 -13.38 -13.03 0.02
N GLY A 96 -12.37 -13.81 -0.37
CA GLY A 96 -12.62 -14.87 -1.34
C GLY A 96 -12.51 -14.52 -2.81
N ASP A 97 -12.14 -13.28 -3.12
CA ASP A 97 -11.81 -12.92 -4.49
C ASP A 97 -10.40 -13.37 -4.80
N ASP A 98 -10.01 -13.42 -6.09
CA ASP A 98 -8.62 -13.67 -6.48
C ASP A 98 -8.21 -12.54 -7.38
N LEU A 99 -7.04 -11.98 -7.14
CA LEU A 99 -6.64 -10.81 -7.94
C LEU A 99 -5.48 -11.16 -8.85
N LYS A 100 -5.47 -10.51 -10.01
CA LYS A 100 -4.36 -10.59 -10.92
C LYS A 100 -3.84 -9.19 -11.21
N VAL A 101 -2.59 -8.94 -10.84
CA VAL A 101 -1.92 -7.71 -11.21
C VAL A 101 -1.35 -7.87 -12.60
N GLU A 102 -1.68 -6.93 -13.46
CA GLU A 102 -1.07 -6.89 -14.80
C GLU A 102 -0.19 -5.67 -14.91
N LEU A 103 1.07 -5.88 -15.24
CA LEU A 103 2.01 -4.78 -15.44
C LEU A 103 2.22 -4.63 -16.93
N GLU A 104 2.40 -3.41 -17.39
CA GLU A 104 2.78 -3.24 -18.80
C GLU A 104 3.75 -2.07 -18.94
N VAL A 105 4.86 -2.26 -19.66
CA VAL A 105 5.79 -1.15 -19.89
C VAL A 105 5.18 -0.13 -20.87
N LEU A 106 4.98 1.13 -20.42
CA LEU A 106 4.31 2.12 -21.27
C LEU A 106 5.33 2.98 -22.00
N GLU A 107 6.39 3.36 -21.30
CA GLU A 107 7.40 4.28 -21.82
C GLU A 107 8.75 3.98 -21.19
N LYS A 108 9.82 4.06 -21.98
CA LYS A 108 11.16 4.11 -21.45
C LYS A 108 11.68 5.54 -21.55
N LEU A 109 12.23 6.05 -20.44
CA LEU A 109 12.50 7.47 -20.29
C LEU A 109 13.96 7.71 -19.83
N PRO A 110 14.41 8.98 -19.85
CA PRO A 110 15.80 9.20 -19.46
C PRO A 110 16.07 8.82 -18.01
N LYS A 111 17.35 8.68 -17.68
CA LYS A 111 17.82 8.25 -16.36
C LYS A 111 17.31 6.86 -15.97
N ASN A 112 17.18 5.98 -16.94
CA ASN A 112 16.77 4.60 -16.71
C ASN A 112 15.34 4.49 -16.19
N ARG A 113 14.54 5.49 -16.47
CA ARG A 113 13.21 5.54 -15.90
C ARG A 113 12.20 4.87 -16.80
N VAL A 114 11.16 4.32 -16.16
CA VAL A 114 10.12 3.59 -16.87
C VAL A 114 8.77 3.98 -16.31
N ARG A 115 7.79 4.20 -17.20
CA ARG A 115 6.40 4.35 -16.82
C ARG A 115 5.69 3.01 -17.06
N MET A 116 5.07 2.47 -16.02
CA MET A 116 4.53 1.11 -16.03
C MET A 116 3.06 1.20 -15.76
N ALA A 117 2.24 0.61 -16.63
CA ALA A 117 0.81 0.56 -16.32
C ALA A 117 0.65 -0.51 -15.23
N THR A 118 -0.24 -0.27 -14.26
CA THR A 118 -0.40 -1.20 -13.12
C THR A 118 -1.88 -1.44 -12.92
N ARG A 119 -2.42 -2.51 -13.49
CA ARG A 119 -3.85 -2.78 -13.44
C ARG A 119 -4.11 -3.99 -12.57
N VAL A 120 -5.26 -4.04 -11.92
CA VAL A 120 -5.59 -5.21 -11.09
C VAL A 120 -7.00 -5.65 -11.47
N PHE A 121 -7.13 -6.96 -11.68
CA PHE A 121 -8.40 -7.57 -12.05
C PHE A 121 -8.78 -8.64 -11.07
N ASN A 122 -10.07 -8.84 -10.90
CA ASN A 122 -10.54 -9.92 -10.04
C ASN A 122 -10.86 -11.16 -10.87
N GLN A 123 -11.35 -12.18 -10.20
CA GLN A 123 -11.53 -13.51 -10.82
C GLN A 123 -12.56 -13.52 -11.95
N ALA A 124 -13.39 -12.49 -12.01
CA ALA A 124 -14.44 -12.36 -13.02
C ALA A 124 -13.96 -11.45 -14.17
N GLY A 125 -12.71 -11.07 -14.09
CA GLY A 125 -12.13 -10.26 -15.14
C GLY A 125 -12.45 -8.77 -15.05
N LYS A 126 -13.15 -8.35 -14.01
CA LYS A 126 -13.51 -6.96 -13.80
C LYS A 126 -12.29 -6.21 -13.25
N GLN A 127 -12.03 -5.00 -13.73
CA GLN A 127 -10.87 -4.25 -13.19
C GLN A 127 -11.20 -3.65 -11.81
N VAL A 128 -10.35 -3.89 -10.82
CA VAL A 128 -10.59 -3.33 -9.49
C VAL A 128 -9.71 -2.11 -9.19
N VAL A 129 -8.59 -2.03 -9.87
CA VAL A 129 -7.68 -0.89 -9.73
C VAL A 129 -7.06 -0.55 -11.07
N ASP A 130 -6.94 0.74 -11.35
CA ASP A 130 -6.19 1.20 -12.50
C ASP A 130 -5.12 2.14 -12.00
N GLY A 131 -4.04 2.26 -12.74
CA GLY A 131 -3.02 3.19 -12.29
C GLY A 131 -1.73 3.06 -13.06
N GLU A 132 -0.74 3.85 -12.66
CA GLU A 132 0.54 3.77 -13.30
C GLU A 132 1.66 4.04 -12.29
N ALA A 133 2.82 3.42 -12.52
CA ALA A 133 3.98 3.59 -11.67
C ALA A 133 5.10 4.32 -12.41
N GLU A 134 5.92 5.08 -11.70
CA GLU A 134 7.14 5.60 -12.27
C GLU A 134 8.26 4.92 -11.47
N ILE A 135 9.19 4.30 -12.16
CA ILE A 135 10.30 3.60 -11.53
C ILE A 135 11.61 3.95 -12.21
N MET A 136 12.72 3.66 -11.52
CA MET A 136 14.03 3.57 -12.16
C MET A 136 14.36 2.10 -12.29
N ALA A 137 14.48 1.63 -13.53
CA ALA A 137 14.72 0.21 -13.72
C ALA A 137 16.18 -0.09 -13.44
N PRO A 138 16.50 -1.36 -13.19
CA PRO A 138 17.88 -1.75 -12.85
C PRO A 138 18.79 -1.52 -14.05
N GLU A 139 19.99 -1.05 -13.81
CA GLU A 139 20.98 -0.88 -14.88
C GLU A 139 21.58 -2.23 -15.28
N GLU A 140 21.86 -3.09 -14.30
CA GLU A 140 22.56 -4.35 -14.59
C GLU A 140 21.73 -5.59 -14.30
N LYS A 141 22.08 -6.68 -14.95
CA LYS A 141 21.37 -7.93 -14.79
C LYS A 141 21.65 -8.46 -13.39
N LEU A 142 20.63 -9.06 -12.79
CA LEU A 142 20.69 -9.43 -11.39
C LEU A 142 19.94 -10.71 -11.12
N SER A 143 20.49 -11.52 -10.23
CA SER A 143 19.83 -12.74 -9.78
C SER A 143 19.88 -12.72 -8.24
N VAL A 144 18.72 -12.82 -7.60
CA VAL A 144 18.66 -12.59 -6.18
C VAL A 144 17.79 -13.68 -5.52
N GLU A 145 18.25 -14.20 -4.39
CA GLU A 145 17.44 -15.13 -3.62
C GLU A 145 16.52 -14.28 -2.76
N LEU A 146 15.21 -14.42 -2.95
CA LEU A 146 14.27 -13.74 -2.04
C LEU A 146 14.36 -14.32 -0.63
N ALA A 147 14.14 -13.49 0.39
CA ALA A 147 14.27 -13.95 1.76
C ALA A 147 13.07 -14.80 2.19
N GLU A 148 13.32 -15.93 2.84
CA GLU A 148 12.22 -16.71 3.38
C GLU A 148 11.79 -16.13 4.73
N LEU A 149 10.49 -15.91 4.93
CA LEU A 149 10.01 -15.37 6.20
C LEU A 149 10.04 -16.42 7.28
N PRO A 150 10.23 -16.01 8.55
CA PRO A 150 9.92 -16.93 9.65
C PRO A 150 8.45 -17.30 9.58
N PRO A 151 8.05 -18.36 10.29
CA PRO A 151 6.62 -18.68 10.38
C PRO A 151 5.84 -17.55 11.04
N ILE A 152 4.65 -17.30 10.52
CA ILE A 152 3.80 -16.23 11.01
C ILE A 152 2.48 -16.86 11.36
N SER A 153 2.18 -16.89 12.65
CA SER A 153 1.02 -17.62 13.16
C SER A 153 -0.02 -16.62 13.57
N ILE A 154 -1.23 -16.83 13.08
CA ILE A 154 -2.34 -15.98 13.48
C ILE A 154 -3.45 -16.90 13.93
N GLY A 155 -4.03 -16.63 15.09
CA GLY A 155 -5.07 -17.51 15.59
C GLY A 155 -4.56 -18.90 15.97
N SER B 1 -10.58 2.61 21.75
CA SER B 1 -11.66 1.70 21.40
C SER B 1 -12.56 2.30 20.31
N GLN B 2 -13.28 3.37 20.67
CA GLN B 2 -14.27 3.99 19.79
C GLN B 2 -13.67 5.08 18.87
N VAL B 3 -14.22 5.20 17.67
CA VAL B 3 -13.73 6.18 16.71
C VAL B 3 -14.91 6.86 16.03
N GLN B 4 -14.96 8.19 16.11
CA GLN B 4 -15.96 9.01 15.43
C GLN B 4 -15.44 9.48 14.07
N ASN B 5 -16.27 9.42 13.04
CA ASN B 5 -15.83 9.97 11.76
C ASN B 5 -16.06 11.47 11.71
N ILE B 6 -15.69 12.09 10.60
CA ILE B 6 -15.85 13.52 10.38
C ILE B 6 -16.51 13.62 9.02
N PRO B 7 -17.84 13.69 9.02
CA PRO B 7 -18.61 13.74 7.78
C PRO B 7 -18.25 14.92 6.88
N TYR B 8 -18.62 14.80 5.62
CA TYR B 8 -18.35 15.83 4.65
C TYR B 8 -18.77 17.22 5.14
N ALA B 9 -19.94 17.32 5.78
CA ALA B 9 -20.44 18.64 6.17
C ALA B 9 -19.65 19.20 7.34
N GLU B 10 -18.96 18.33 8.05
CA GLU B 10 -18.12 18.72 9.19
C GLU B 10 -16.68 19.11 8.74
N LEU B 11 -16.21 18.51 7.65
CA LEU B 11 -14.88 18.86 7.17
C LEU B 11 -14.78 20.32 6.78
N GLU B 12 -13.63 20.94 7.03
CA GLU B 12 -13.42 22.27 6.45
C GLU B 12 -12.11 22.28 5.72
N VAL B 13 -12.04 23.05 4.63
CA VAL B 13 -10.78 23.25 3.91
C VAL B 13 -9.68 23.74 4.85
N GLY B 14 -8.51 23.11 4.79
CA GLY B 14 -7.41 23.40 5.69
C GLY B 14 -7.36 22.52 6.93
N GLN B 15 -8.38 21.72 7.16
CA GLN B 15 -8.40 20.88 8.36
C GLN B 15 -7.27 19.85 8.28
N LYS B 16 -6.56 19.64 9.38
CA LYS B 16 -5.45 18.67 9.36
C LYS B 16 -5.64 17.58 10.40
N ALA B 17 -4.95 16.45 10.20
CA ALA B 17 -4.91 15.39 11.18
C ALA B 17 -3.60 14.66 11.02
N GLU B 18 -3.22 13.88 12.02
CA GLU B 18 -1.98 13.16 11.88
C GLU B 18 -2.11 11.74 12.35
N TYR B 19 -1.16 10.90 11.92
CA TYR B 19 -1.23 9.46 12.19
C TYR B 19 0.22 9.04 12.24
N THR B 20 0.67 8.44 13.32
CA THR B 20 2.10 8.17 13.44
C THR B 20 2.34 6.69 13.58
N SER B 21 3.55 6.27 13.24
CA SER B 21 3.90 4.87 13.33
C SER B 21 5.42 4.75 13.37
N SER B 22 5.94 3.80 14.13
CA SER B 22 7.38 3.54 14.11
C SER B 22 7.66 2.34 13.21
N ILE B 23 8.77 2.36 12.49
CA ILE B 23 9.11 1.29 11.57
C ILE B 23 9.95 0.23 12.28
N ALA B 24 9.26 -0.81 12.68
CA ALA B 24 9.86 -1.91 13.40
C ALA B 24 10.15 -3.08 12.50
N GLU B 25 10.95 -4.01 13.01
CA GLU B 25 11.26 -5.20 12.23
C GLU B 25 9.97 -5.91 11.86
N ARG B 26 9.02 -5.98 12.81
CA ARG B 26 7.76 -6.70 12.55
C ARG B 26 7.02 -6.11 11.34
N ASP B 27 7.12 -4.79 11.18
CA ASP B 27 6.38 -4.12 10.09
C ASP B 27 6.96 -4.53 8.74
N LEU B 28 8.28 -4.59 8.66
CA LEU B 28 8.94 -5.08 7.44
C LEU B 28 8.51 -6.51 7.10
N GLN B 29 8.43 -7.37 8.13
CA GLN B 29 8.10 -8.76 7.88
C GLN B 29 6.62 -8.94 7.52
N LEU B 30 5.76 -8.21 8.22
CA LEU B 30 4.35 -8.35 7.93
C LEU B 30 4.03 -7.77 6.54
N PHE B 31 4.67 -6.66 6.17
CA PHE B 31 4.37 -6.09 4.85
C PHE B 31 4.86 -7.07 3.78
N ALA B 32 6.07 -7.62 3.96
CA ALA B 32 6.53 -8.62 3.03
C ALA B 32 5.61 -9.81 2.92
N ALA B 33 5.06 -10.24 4.06
CA ALA B 33 4.14 -11.36 4.08
C ALA B 33 2.88 -11.08 3.26
N VAL B 34 2.31 -9.91 3.44
CA VAL B 34 1.02 -9.66 2.81
C VAL B 34 1.23 -9.27 1.34
N SER B 35 2.35 -8.62 1.02
CA SER B 35 2.57 -8.15 -0.36
C SER B 35 3.21 -9.22 -1.22
N GLY B 36 4.03 -10.07 -0.61
CA GLY B 36 4.90 -10.97 -1.36
C GLY B 36 6.27 -10.37 -1.70
N ASP B 37 6.52 -9.10 -1.32
CA ASP B 37 7.81 -8.51 -1.66
C ASP B 37 8.83 -8.92 -0.63
N ARG B 38 9.53 -10.00 -0.92
CA ARG B 38 10.50 -10.48 0.03
C ARG B 38 11.92 -10.20 -0.42
N ASN B 39 12.12 -9.09 -1.11
CA ASN B 39 13.50 -8.67 -1.46
C ASN B 39 14.32 -8.54 -0.18
N PRO B 40 15.56 -9.03 -0.20
CA PRO B 40 16.27 -9.15 1.08
C PRO B 40 16.71 -7.85 1.73
N VAL B 41 16.71 -6.73 0.99
CA VAL B 41 17.07 -5.48 1.62
C VAL B 41 15.99 -5.14 2.66
N HIS B 42 14.81 -5.76 2.57
CA HIS B 42 13.76 -5.42 3.51
C HIS B 42 13.77 -6.32 4.71
N LEU B 43 14.45 -7.46 4.61
CA LEU B 43 14.24 -8.57 5.57
C LEU B 43 15.51 -9.16 6.21
N ASP B 44 16.60 -9.17 5.46
CA ASP B 44 17.81 -9.92 5.81
C ASP B 44 18.85 -8.92 6.31
N ALA B 45 19.12 -8.86 7.62
CA ALA B 45 20.02 -7.81 8.12
C ALA B 45 21.44 -7.96 7.60
N ALA B 46 21.91 -9.20 7.49
CA ALA B 46 23.27 -9.45 7.04
C ALA B 46 23.41 -8.97 5.63
N TYR B 47 22.37 -9.18 4.82
CA TYR B 47 22.42 -8.66 3.47
C TYR B 47 22.40 -7.14 3.40
N ALA B 48 21.50 -6.53 4.15
CA ALA B 48 21.34 -5.10 4.07
C ALA B 48 22.59 -4.35 4.54
N ALA B 49 23.32 -5.02 5.42
CA ALA B 49 24.56 -4.48 5.98
C ALA B 49 25.61 -4.28 4.87
N THR B 50 25.49 -5.08 3.80
CA THR B 50 26.38 -4.99 2.65
C THR B 50 25.98 -3.96 1.59
N THR B 51 24.81 -3.34 1.76
CA THR B 51 24.32 -2.33 0.82
C THR B 51 24.72 -0.92 1.25
N GLN B 52 24.41 0.07 0.41
CA GLN B 52 24.65 1.47 0.73
C GLN B 52 23.84 1.90 1.93
N PHE B 53 22.73 1.22 2.18
CA PHE B 53 21.87 1.63 3.29
C PHE B 53 22.41 1.24 4.66
N LYS B 54 23.24 0.20 4.67
CA LYS B 54 23.90 -0.33 5.88
C LYS B 54 22.96 -0.97 6.89
N GLU B 55 21.66 -1.03 6.56
CA GLU B 55 20.64 -1.57 7.43
C GLU B 55 19.40 -1.79 6.56
N ARG B 56 18.41 -2.50 7.09
CA ARG B 56 17.24 -2.80 6.29
C ARG B 56 16.41 -1.54 6.06
N ILE B 57 15.70 -1.50 4.94
CA ILE B 57 14.85 -0.38 4.62
C ILE B 57 13.40 -0.87 4.43
N ALA B 58 12.46 0.03 4.61
CA ALA B 58 11.06 -0.36 4.54
C ALA B 58 10.64 -0.37 3.09
N HIS B 59 9.62 -1.15 2.80
CA HIS B 59 9.03 -1.07 1.45
C HIS B 59 8.43 0.32 1.22
N GLY B 60 8.67 0.91 0.06
CA GLY B 60 8.08 2.20 -0.24
C GLY B 60 6.59 2.24 0.02
N MET B 61 5.89 1.18 -0.40
CA MET B 61 4.45 1.09 -0.31
C MET B 61 3.94 0.95 1.12
N LEU B 62 4.83 0.72 2.08
CA LEU B 62 4.37 0.70 3.49
C LEU B 62 3.78 2.07 3.85
N SER B 63 4.37 3.15 3.32
CA SER B 63 3.78 4.50 3.52
C SER B 63 2.40 4.62 2.90
N GLY B 64 2.17 3.97 1.76
CA GLY B 64 0.83 3.92 1.17
C GLY B 64 -0.16 3.25 2.13
N ALA B 65 0.27 2.16 2.79
CA ALA B 65 -0.62 1.48 3.74
C ALA B 65 -0.94 2.42 4.92
N LEU B 66 0.10 3.10 5.44
CA LEU B 66 -0.13 3.97 6.58
C LEU B 66 -1.07 5.15 6.21
N ILE B 67 -0.88 5.76 5.04
CA ILE B 67 -1.78 6.84 4.56
C ILE B 67 -3.20 6.30 4.51
N SER B 68 -3.34 5.09 3.97
CA SER B 68 -4.69 4.58 3.76
C SER B 68 -5.37 4.40 5.16
N ALA B 69 -4.63 3.95 6.16
CA ALA B 69 -5.19 3.79 7.51
C ALA B 69 -5.52 5.15 8.13
N ALA B 70 -4.67 6.12 7.92
CA ALA B 70 -4.96 7.48 8.46
C ALA B 70 -6.29 8.03 7.92
N ILE B 71 -6.52 7.84 6.63
CA ILE B 71 -7.75 8.32 6.00
C ILE B 71 -8.92 7.51 6.56
N ALA B 72 -8.73 6.21 6.66
CA ALA B 72 -9.84 5.35 7.07
C ALA B 72 -10.16 5.41 8.52
N THR B 73 -9.23 5.84 9.37
CA THR B 73 -9.49 5.80 10.80
C THR B 73 -9.46 7.15 11.52
N VAL B 74 -8.94 8.17 10.86
CA VAL B 74 -8.75 9.44 11.54
C VAL B 74 -9.43 10.59 10.82
N LEU B 75 -9.20 10.74 9.51
CA LEU B 75 -9.78 11.84 8.77
C LEU B 75 -9.97 11.52 7.31
N PRO B 76 -11.22 11.42 6.84
CA PRO B 76 -12.49 11.58 7.55
C PRO B 76 -12.85 10.41 8.46
N GLY B 77 -12.20 9.27 8.31
CA GLY B 77 -12.51 8.19 9.22
C GLY B 77 -13.55 7.24 8.68
N PRO B 78 -14.17 6.43 9.57
CA PRO B 78 -15.12 5.41 9.12
C PRO B 78 -16.23 5.91 8.21
N GLY B 79 -16.43 5.17 7.12
CA GLY B 79 -17.45 5.51 6.15
C GLY B 79 -16.87 6.14 4.91
N THR B 80 -15.58 6.46 4.95
CA THR B 80 -14.97 7.06 3.79
C THR B 80 -14.83 6.06 2.62
N ILE B 81 -15.11 6.54 1.41
CA ILE B 81 -14.83 5.74 0.23
C ILE B 81 -13.57 6.25 -0.49
N TYR B 82 -12.62 5.34 -0.67
CA TYR B 82 -11.32 5.66 -1.28
C TYR B 82 -11.44 5.58 -2.77
N LEU B 83 -11.32 6.71 -3.44
CA LEU B 83 -11.43 6.76 -4.88
C LEU B 83 -10.08 6.76 -5.59
N GLY B 84 -9.09 7.45 -5.03
CA GLY B 84 -7.81 7.47 -5.70
C GLY B 84 -6.71 7.91 -4.78
N GLN B 85 -5.47 7.59 -5.17
CA GLN B 85 -4.32 7.98 -4.36
C GLN B 85 -3.10 8.13 -5.27
N THR B 86 -2.36 9.24 -5.11
CA THR B 86 -1.08 9.42 -5.78
C THR B 86 0.01 9.43 -4.74
N LEU B 87 1.16 8.85 -5.06
CA LEU B 87 2.26 8.74 -4.13
C LEU B 87 3.54 9.09 -4.86
N ARG B 88 4.35 9.97 -4.28
N ARG B 88 4.33 9.98 -4.26
CA ARG B 88 5.68 10.22 -4.81
CA ARG B 88 5.67 10.25 -4.74
C ARG B 88 6.65 9.88 -3.69
C ARG B 88 6.62 9.83 -3.64
N PHE B 89 7.54 8.92 -3.94
CA PHE B 89 8.48 8.39 -2.94
C PHE B 89 9.76 9.20 -2.96
N THR B 90 9.88 10.10 -1.99
CA THR B 90 10.92 11.11 -2.13
C THR B 90 12.23 10.76 -1.42
N ARG B 91 12.17 9.83 -0.49
CA ARG B 91 13.31 9.48 0.36
C ARG B 91 13.07 8.08 0.89
N PRO B 92 14.10 7.26 0.98
CA PRO B 92 13.91 5.92 1.58
C PRO B 92 13.55 5.99 3.07
N VAL B 93 12.75 5.03 3.49
CA VAL B 93 12.43 4.87 4.92
C VAL B 93 13.22 3.73 5.48
N LYS B 94 13.90 3.97 6.60
CA LYS B 94 14.76 2.96 7.23
C LYS B 94 14.13 2.29 8.44
N LEU B 95 14.57 1.06 8.68
CA LEU B 95 14.34 0.42 9.98
C LEU B 95 14.67 1.37 11.14
N GLY B 96 13.76 1.47 12.11
CA GLY B 96 13.96 2.43 13.18
C GLY B 96 13.54 3.87 12.95
N ASP B 97 13.06 4.20 11.76
CA ASP B 97 12.42 5.52 11.54
C ASP B 97 11.08 5.63 12.24
N ASP B 98 10.68 6.86 12.55
CA ASP B 98 9.33 7.13 13.05
C ASP B 98 8.67 7.89 11.96
N LEU B 99 7.48 7.49 11.51
CA LEU B 99 6.84 8.22 10.43
C LEU B 99 5.61 8.95 10.92
N LYS B 100 5.39 10.12 10.37
CA LYS B 100 4.20 10.88 10.70
C LYS B 100 3.46 11.10 9.41
N VAL B 101 2.23 10.58 9.29
CA VAL B 101 1.32 10.94 8.17
C VAL B 101 0.59 12.24 8.51
N GLU B 102 0.72 13.23 7.64
CA GLU B 102 -0.06 14.45 7.79
C GLU B 102 -1.13 14.51 6.69
N LEU B 103 -2.40 14.60 7.10
CA LEU B 103 -3.51 14.74 6.17
C LEU B 103 -4.00 16.19 6.21
N GLU B 104 -4.28 16.75 5.05
CA GLU B 104 -4.91 18.09 5.03
C GLU B 104 -6.02 18.17 4.01
N VAL B 105 -7.18 18.67 4.42
CA VAL B 105 -8.27 18.86 3.47
C VAL B 105 -7.93 20.00 2.48
N LEU B 106 -7.86 19.68 1.20
CA LEU B 106 -7.46 20.71 0.21
C LEU B 106 -8.67 21.37 -0.46
N GLU B 107 -9.73 20.59 -0.69
CA GLU B 107 -10.89 21.05 -1.45
C GLU B 107 -12.08 20.16 -1.18
N LYS B 108 -13.26 20.78 -1.05
CA LYS B 108 -14.53 20.04 -0.97
C LYS B 108 -15.29 20.29 -2.24
N LEU B 109 -15.73 19.20 -2.87
CA LEU B 109 -16.28 19.25 -4.21
C LEU B 109 -17.69 18.67 -4.16
N PRO B 110 -18.45 18.77 -5.27
CA PRO B 110 -19.79 18.18 -5.28
C PRO B 110 -19.82 16.67 -4.98
N LYS B 111 -20.99 16.18 -4.58
CA LYS B 111 -21.25 14.76 -4.36
C LYS B 111 -20.28 14.14 -3.34
N ASN B 112 -19.99 14.91 -2.30
CA ASN B 112 -19.20 14.45 -1.15
C ASN B 112 -17.72 14.16 -1.46
N ARG B 113 -17.26 14.61 -2.63
CA ARG B 113 -15.85 14.41 -3.03
C ARG B 113 -14.96 15.38 -2.23
N VAL B 114 -13.81 14.87 -1.79
CA VAL B 114 -12.84 15.69 -1.07
C VAL B 114 -11.48 15.41 -1.65
N ARG B 115 -10.67 16.44 -1.87
CA ARG B 115 -9.23 16.25 -2.18
C ARG B 115 -8.41 16.41 -0.90
N MET B 116 -7.54 15.43 -0.61
CA MET B 116 -6.80 15.40 0.67
C MET B 116 -5.32 15.35 0.39
N ALA B 117 -4.55 16.28 0.96
CA ALA B 117 -3.07 16.13 0.88
C ALA B 117 -2.67 14.98 1.81
N THR B 118 -1.69 14.19 1.39
CA THR B 118 -1.27 13.02 2.19
C THR B 118 0.26 13.07 2.17
N ARG B 119 0.87 13.60 3.22
CA ARG B 119 2.32 13.80 3.24
C ARG B 119 2.84 12.89 4.30
N VAL B 120 4.05 12.37 4.13
CA VAL B 120 4.63 11.57 5.19
C VAL B 120 6.01 12.08 5.51
N PHE B 121 6.30 12.25 6.82
CA PHE B 121 7.60 12.75 7.26
C PHE B 121 8.31 11.79 8.20
N ASN B 122 9.65 11.78 8.19
CA ASN B 122 10.37 10.94 9.15
C ASN B 122 10.68 11.71 10.45
N GLN B 123 11.50 11.10 11.28
CA GLN B 123 11.76 11.59 12.65
C GLN B 123 12.48 12.91 12.64
N ALA B 124 13.28 13.11 11.60
CA ALA B 124 13.98 14.38 11.37
C ALA B 124 13.18 15.45 10.61
N GLY B 125 11.88 15.21 10.42
CA GLY B 125 11.03 16.09 9.65
C GLY B 125 11.27 16.18 8.14
N LYS B 126 11.99 15.22 7.58
CA LYS B 126 12.22 15.19 6.14
C LYS B 126 11.01 14.50 5.51
N GLN B 127 10.55 15.04 4.39
CA GLN B 127 9.40 14.46 3.70
C GLN B 127 9.84 13.17 3.02
N VAL B 128 9.12 12.08 3.21
CA VAL B 128 9.51 10.83 2.56
C VAL B 128 8.51 10.42 1.53
N VAL B 129 7.28 10.93 1.67
CA VAL B 129 6.22 10.73 0.67
C VAL B 129 5.39 12.01 0.49
N ASP B 130 5.03 12.32 -0.76
CA ASP B 130 4.09 13.39 -1.04
C ASP B 130 3.00 12.79 -1.91
N GLY B 131 1.81 13.36 -1.86
CA GLY B 131 0.75 12.84 -2.72
C GLY B 131 -0.56 13.40 -2.29
N GLU B 132 -1.62 12.91 -2.93
CA GLU B 132 -2.93 13.43 -2.73
C GLU B 132 -3.92 12.26 -2.89
N ALA B 133 -4.95 12.25 -2.03
CA ALA B 133 -6.02 11.24 -2.10
C ALA B 133 -7.29 11.88 -2.63
N GLU B 134 -8.06 11.14 -3.38
CA GLU B 134 -9.41 11.57 -3.75
C GLU B 134 -10.34 10.62 -3.02
N ILE B 135 -11.29 11.19 -2.30
CA ILE B 135 -12.18 10.34 -1.53
C ILE B 135 -13.61 10.82 -1.67
N MET B 136 -14.52 9.95 -1.26
CA MET B 136 -15.89 10.42 -1.01
C MET B 136 -16.06 10.39 0.50
N ALA B 137 -16.18 11.55 1.13
CA ALA B 137 -16.31 11.59 2.58
C ALA B 137 -17.69 11.08 3.02
N PRO B 138 -17.80 10.57 4.24
CA PRO B 138 -19.08 10.01 4.67
C PRO B 138 -20.12 11.09 4.80
N GLU B 139 -21.35 10.75 4.45
CA GLU B 139 -22.42 11.73 4.59
C GLU B 139 -22.86 11.85 6.04
N GLU B 140 -23.03 10.73 6.74
CA GLU B 140 -23.52 10.80 8.11
C GLU B 140 -22.50 10.51 9.20
N LYS B 141 -22.72 11.10 10.37
CA LYS B 141 -21.90 10.86 11.53
C LYS B 141 -21.98 9.40 11.98
N LEU B 142 -20.82 8.76 12.10
CA LEU B 142 -20.74 7.38 12.54
C LEU B 142 -19.78 7.27 13.69
N SER B 143 -20.12 6.41 14.65
CA SER B 143 -19.20 6.04 15.71
C SER B 143 -18.98 4.53 15.60
N VAL B 144 -17.72 4.11 15.49
CA VAL B 144 -17.42 2.71 15.25
C VAL B 144 -16.41 2.18 16.28
N GLU B 145 -16.67 0.99 16.80
CA GLU B 145 -15.69 0.28 17.61
C GLU B 145 -14.68 -0.45 16.72
N LEU B 146 -13.41 -0.05 16.75
CA LEU B 146 -12.45 -0.70 15.87
C LEU B 146 -12.27 -2.16 16.31
N ALA B 147 -11.97 -3.04 15.36
CA ALA B 147 -11.83 -4.45 15.70
C ALA B 147 -10.49 -4.74 16.37
N GLU B 148 -10.42 -5.79 17.17
CA GLU B 148 -9.14 -6.25 17.68
C GLU B 148 -8.36 -6.97 16.59
N LEU B 149 -7.05 -6.77 16.54
CA LEU B 149 -6.22 -7.63 15.71
C LEU B 149 -6.14 -8.99 16.39
N PRO B 150 -6.17 -10.07 15.62
CA PRO B 150 -5.88 -11.38 16.20
C PRO B 150 -4.42 -11.42 16.71
N PRO B 151 -4.06 -12.38 17.56
CA PRO B 151 -2.65 -12.32 18.00
C PRO B 151 -1.76 -12.81 16.85
N ILE B 152 -0.62 -12.16 16.63
CA ILE B 152 0.24 -12.55 15.50
C ILE B 152 1.63 -12.85 16.05
N SER B 153 2.08 -14.08 15.92
CA SER B 153 3.42 -14.43 16.37
C SER B 153 4.34 -14.69 15.20
N ILE B 154 5.56 -14.15 15.29
CA ILE B 154 6.49 -14.32 14.18
C ILE B 154 7.74 -15.05 14.64
N GLY B 155 8.09 -16.15 13.97
CA GLY B 155 9.26 -16.94 14.34
C GLY B 155 8.95 -18.06 15.32
#